data_2I65
#
_entry.id   2I65
#
_cell.length_a   41.451
_cell.length_b   50.715
_cell.length_c   65.200
_cell.angle_alpha   108.76
_cell.angle_beta   92.01
_cell.angle_gamma   96.38
#
_symmetry.space_group_name_H-M   'P 1'
#
loop_
_entity.id
_entity.type
_entity.pdbx_description
1 polymer 'ADP-ribosyl cyclase 1'
2 non-polymer NICOTINAMIDE-ADENINE-DINUCLEOTIDE
3 water water
#
_entity_poly.entity_id   1
_entity_poly.type   'polypeptide(L)'
_entity_poly.pdbx_seq_one_letter_code
;KREAEARWRQTWSGPGTTKRFPETVLARCVKYTEIHPEMRHVDCQSVWDAFKGAFISKHPCDITEEDYQPLMKLGTQTVP
CNKILLWSRIKDLAHQFTQVQRDMFTLEDTLLGYLADDLTWCGEFDTSKINYQSCPDWRKDCSNNPVSVFWKTVSRRFAE
AACDVVHVMLDGSRSKIFDKDSTFGSVQVHNLQPEKVQTLEAWVIHGGREDSRDLCQDPTIKELESIISKRNIQFSCKNI
YRPDKFLQCVKNPEDSSCTSEI
;
_entity_poly.pdbx_strand_id   A,B
#
loop_
_chem_comp.id
_chem_comp.type
_chem_comp.name
_chem_comp.formula
NAD non-polymer NICOTINAMIDE-ADENINE-DINUCLEOTIDE 'C21 H27 N7 O14 P2'
#
# COMPACT_ATOMS: atom_id res chain seq x y z
N GLN A 10 -28.83 17.02 9.51
CA GLN A 10 -27.49 16.37 9.43
C GLN A 10 -27.53 15.21 8.44
N THR A 11 -26.70 15.26 7.40
CA THR A 11 -26.45 14.08 6.59
C THR A 11 -25.50 13.19 7.39
N TRP A 12 -24.42 13.80 7.87
CA TRP A 12 -23.34 13.09 8.54
C TRP A 12 -23.30 13.42 10.02
N SER A 13 -22.57 12.60 10.77
CA SER A 13 -22.47 12.68 12.23
C SER A 13 -21.38 13.63 12.72
N GLY A 14 -20.38 13.87 11.87
CA GLY A 14 -19.19 14.63 12.25
C GLY A 14 -19.32 16.11 12.01
N PRO A 15 -18.38 16.90 12.57
CA PRO A 15 -18.50 18.34 12.36
C PRO A 15 -18.42 18.67 10.88
N GLY A 16 -19.06 19.77 10.50
CA GLY A 16 -19.03 20.24 9.13
C GLY A 16 -17.66 20.83 8.86
N THR A 17 -17.47 21.33 7.65
CA THR A 17 -16.22 21.98 7.28
C THR A 17 -16.01 23.19 8.20
N THR A 18 -14.80 23.32 8.72
CA THR A 18 -14.42 24.44 9.59
C THR A 18 -14.82 25.75 8.95
N LYS A 19 -15.41 26.66 9.73
CA LYS A 19 -15.78 27.96 9.19
C LYS A 19 -14.55 28.64 8.58
N ARG A 20 -14.78 29.36 7.49
CA ARG A 20 -13.71 30.02 6.74
C ARG A 20 -12.60 29.10 6.25
N PHE A 21 -12.94 27.84 6.00
CA PHE A 21 -11.95 26.84 5.58
C PHE A 21 -11.07 27.33 4.42
N PRO A 22 -11.66 27.82 3.32
CA PRO A 22 -10.85 28.29 2.18
C PRO A 22 -9.87 29.40 2.52
N GLU A 23 -10.37 30.44 3.18
CA GLU A 23 -9.55 31.57 3.60
C GLU A 23 -8.42 31.07 4.49
N THR A 24 -8.77 30.16 5.39
CA THR A 24 -7.83 29.61 6.36
C THR A 24 -6.71 28.84 5.69
N VAL A 25 -7.04 27.92 4.79
CA VAL A 25 -5.99 27.17 4.11
C VAL A 25 -5.08 28.13 3.34
N LEU A 26 -5.69 29.08 2.66
CA LEU A 26 -4.98 30.04 1.84
C LEU A 26 -4.05 30.88 2.71
N ALA A 27 -4.57 31.42 3.80
CA ALA A 27 -3.79 32.25 4.71
C ALA A 27 -2.68 31.44 5.40
N ARG A 28 -2.96 30.17 5.71
CA ARG A 28 -1.94 29.28 6.28
C ARG A 28 -0.84 29.01 5.28
N CYS A 29 -1.24 28.80 4.03
CA CYS A 29 -0.29 28.58 2.96
C CYS A 29 0.61 29.80 2.80
N VAL A 30 -0.01 30.98 2.69
CA VAL A 30 0.74 32.22 2.59
C VAL A 30 1.72 32.38 3.75
N LYS A 31 1.23 32.20 4.98
CA LYS A 31 2.09 32.31 6.16
C LYS A 31 3.24 31.32 6.08
N TYR A 32 2.93 30.05 5.80
CA TYR A 32 3.93 29.01 5.74
C TYR A 32 5.00 29.32 4.69
N THR A 33 4.57 29.70 3.49
CA THR A 33 5.51 29.90 2.40
C THR A 33 6.32 31.19 2.59
N GLU A 34 5.83 32.11 3.42
CA GLU A 34 6.59 33.31 3.79
C GLU A 34 7.68 32.97 4.80
N ILE A 35 7.38 32.05 5.70
CA ILE A 35 8.28 31.68 6.80
C ILE A 35 9.34 30.68 6.34
N HIS A 36 8.92 29.69 5.57
CA HIS A 36 9.78 28.59 5.15
C HIS A 36 10.32 28.84 3.75
N PRO A 37 11.61 29.20 3.65
CA PRO A 37 12.17 29.60 2.37
C PRO A 37 12.12 28.49 1.30
N GLU A 38 12.24 27.24 1.72
CA GLU A 38 12.24 26.12 0.77
C GLU A 38 10.91 26.03 0.01
N MET A 39 9.86 26.60 0.60
CA MET A 39 8.53 26.54 -0.01
C MET A 39 8.12 27.87 -0.66
N ARG A 40 9.10 28.69 -1.03
CA ARG A 40 8.88 29.99 -1.68
C ARG A 40 8.34 29.88 -3.10
N HIS A 41 8.61 28.76 -3.76
CA HIS A 41 8.20 28.54 -5.14
C HIS A 41 6.70 28.25 -5.19
N VAL A 42 6.09 28.03 -4.03
CA VAL A 42 4.71 27.58 -3.93
C VAL A 42 3.69 28.67 -4.24
N ASP A 43 2.82 28.36 -5.21
CA ASP A 43 1.69 29.21 -5.52
C ASP A 43 0.53 28.71 -4.68
N CYS A 44 0.14 29.52 -3.69
CA CYS A 44 -0.88 29.12 -2.72
C CYS A 44 -2.27 28.98 -3.30
N GLN A 45 -2.56 29.77 -4.34
CA GLN A 45 -3.82 29.65 -5.06
C GLN A 45 -3.87 28.29 -5.78
N SER A 46 -2.74 27.90 -6.37
CA SER A 46 -2.61 26.59 -6.99
C SER A 46 -2.78 25.48 -5.97
N VAL A 47 -2.13 25.64 -4.82
CA VAL A 47 -2.28 24.69 -3.71
C VAL A 47 -3.76 24.56 -3.33
N TRP A 48 -4.41 25.70 -3.12
CA TRP A 48 -5.80 25.68 -2.74
C TRP A 48 -6.64 24.98 -3.80
N ASP A 49 -6.38 25.27 -5.07
CA ASP A 49 -7.16 24.66 -6.15
C ASP A 49 -6.98 23.16 -6.19
N ALA A 50 -5.74 22.68 -6.02
CA ALA A 50 -5.46 21.24 -5.89
C ALA A 50 -6.15 20.61 -4.67
N PHE A 51 -6.17 21.34 -3.55
CA PHE A 51 -6.78 20.86 -2.31
C PHE A 51 -8.28 20.66 -2.53
N LYS A 52 -8.96 21.72 -2.99
CA LYS A 52 -10.39 21.68 -3.39
C LYS A 52 -10.70 20.55 -4.33
N GLY A 53 -9.90 20.42 -5.39
CA GLY A 53 -10.08 19.42 -6.41
C GLY A 53 -10.10 18.00 -5.88
N ALA A 54 -9.43 17.77 -4.77
CA ALA A 54 -9.43 16.45 -4.14
C ALA A 54 -10.79 16.01 -3.59
N PHE A 55 -11.64 16.95 -3.21
CA PHE A 55 -12.88 16.60 -2.50
C PHE A 55 -14.16 17.29 -2.99
N ILE A 56 -14.03 18.44 -3.64
CA ILE A 56 -15.21 19.14 -4.18
C ILE A 56 -15.89 18.30 -5.25
N SER A 57 -17.23 18.24 -5.21
CA SER A 57 -18.03 17.47 -6.19
C SER A 57 -17.84 15.96 -6.09
N LYS A 58 -17.18 15.50 -5.05
CA LYS A 58 -16.98 14.06 -4.86
C LYS A 58 -17.74 13.60 -3.63
N HIS A 59 -18.18 12.36 -3.67
CA HIS A 59 -18.90 11.81 -2.54
C HIS A 59 -17.95 11.71 -1.36
N PRO A 60 -18.32 12.29 -0.19
CA PRO A 60 -17.33 12.33 0.89
C PRO A 60 -17.05 10.99 1.59
N CYS A 61 -17.59 9.90 1.05
CA CYS A 61 -17.27 8.55 1.54
C CYS A 61 -16.57 7.74 0.45
N ASP A 62 -16.26 8.41 -0.65
CA ASP A 62 -15.58 7.77 -1.77
C ASP A 62 -14.34 8.55 -2.20
N ILE A 63 -13.61 9.07 -1.24
CA ILE A 63 -12.36 9.76 -1.50
C ILE A 63 -11.25 8.72 -1.55
N THR A 64 -10.31 8.92 -2.49
CA THR A 64 -9.15 8.03 -2.63
C THR A 64 -7.88 8.85 -2.48
N GLU A 65 -6.76 8.17 -2.25
CA GLU A 65 -5.48 8.85 -2.24
C GLU A 65 -5.17 9.55 -3.56
N GLU A 66 -5.57 8.93 -4.67
CA GLU A 66 -5.38 9.50 -6.01
C GLU A 66 -5.98 10.91 -6.09
N ASP A 67 -7.11 11.12 -5.42
CA ASP A 67 -7.78 12.43 -5.36
C ASP A 67 -6.85 13.53 -4.86
N TYR A 68 -5.97 13.16 -3.92
CA TYR A 68 -5.01 14.10 -3.31
C TYR A 68 -3.66 14.20 -4.00
N GLN A 69 -3.47 13.43 -5.07
CA GLN A 69 -2.18 13.45 -5.77
C GLN A 69 -1.76 14.83 -6.30
N PRO A 70 -2.68 15.60 -6.92
CA PRO A 70 -2.29 16.95 -7.31
C PRO A 70 -1.82 17.83 -6.14
N LEU A 71 -2.50 17.74 -5.00
CA LEU A 71 -2.08 18.44 -3.79
C LEU A 71 -0.72 17.93 -3.30
N MET A 72 -0.55 16.61 -3.24
CA MET A 72 0.74 16.02 -2.85
C MET A 72 1.86 16.53 -3.76
N LYS A 73 1.58 16.61 -5.06
CA LYS A 73 2.57 17.12 -6.04
C LYS A 73 2.99 18.55 -5.72
N LEU A 74 2.00 19.43 -5.59
CA LEU A 74 2.26 20.84 -5.32
C LEU A 74 2.88 21.05 -3.94
N GLY A 75 2.49 20.21 -2.98
CA GLY A 75 2.98 20.30 -1.61
C GLY A 75 4.27 19.53 -1.37
N THR A 76 4.89 19.05 -2.45
CA THR A 76 6.18 18.34 -2.37
C THR A 76 7.17 19.13 -1.53
N GLN A 77 7.68 18.48 -0.50
CA GLN A 77 8.60 19.13 0.41
C GLN A 77 9.59 18.12 0.95
N THR A 78 10.87 18.43 0.85
CA THR A 78 11.91 17.58 1.43
C THR A 78 12.13 18.02 2.87
N VAL A 79 11.89 17.12 3.82
CA VAL A 79 12.18 17.42 5.21
C VAL A 79 13.42 16.59 5.58
N PRO A 80 14.26 17.11 6.49
CA PRO A 80 15.41 16.31 6.89
C PRO A 80 14.92 14.98 7.47
N CYS A 81 15.29 13.88 6.83
CA CYS A 81 14.67 12.57 7.13
C CYS A 81 14.99 12.10 8.54
N ASN A 82 16.10 12.57 9.10
CA ASN A 82 16.53 12.16 10.43
C ASN A 82 15.96 13.00 11.58
N LYS A 83 15.09 13.96 11.25
CA LYS A 83 14.62 14.92 12.25
C LYS A 83 13.11 14.92 12.35
N ILE A 84 12.53 13.74 12.18
CA ILE A 84 11.11 13.62 12.15
C ILE A 84 10.61 13.22 13.51
N LEU A 85 9.57 13.93 13.96
CA LEU A 85 8.86 13.58 15.19
C LEU A 85 7.43 13.15 14.84
N LEU A 86 7.16 11.87 15.07
CA LEU A 86 5.80 11.37 14.96
C LEU A 86 5.15 11.57 16.32
N TRP A 87 3.81 11.47 16.38
CA TRP A 87 3.18 11.58 17.68
C TRP A 87 1.86 10.82 17.65
N SER A 88 1.29 10.59 18.81
CA SER A 88 -0.01 9.97 18.86
C SER A 88 -0.69 10.50 20.14
N ARG A 89 -1.84 11.16 20.01
CA ARG A 89 -2.63 11.59 21.18
C ARG A 89 -1.97 12.65 22.06
N ILE A 90 -0.92 13.29 21.56
CA ILE A 90 -0.21 14.29 22.32
C ILE A 90 0.22 15.44 21.37
N LYS A 91 -0.74 15.88 20.55
CA LYS A 91 -0.49 16.85 19.48
C LYS A 91 0.12 18.13 20.02
N ASP A 92 -0.46 18.63 21.10
CA ASP A 92 -0.07 19.93 21.64
C ASP A 92 1.38 19.97 22.10
N LEU A 93 1.80 18.99 22.92
CA LEU A 93 3.19 18.97 23.37
C LEU A 93 4.14 18.80 22.17
N ALA A 94 3.79 17.90 21.27
CA ALA A 94 4.60 17.66 20.07
C ALA A 94 4.87 18.95 19.30
N HIS A 95 3.82 19.76 19.11
CA HIS A 95 3.98 21.02 18.39
C HIS A 95 4.69 22.09 19.19
N GLN A 96 4.38 22.19 20.49
CA GLN A 96 5.11 23.11 21.37
C GLN A 96 6.60 22.80 21.29
N PHE A 97 6.90 21.50 21.28
CA PHE A 97 8.27 21.05 21.19
C PHE A 97 8.96 21.51 19.88
N THR A 98 8.32 21.26 18.73
CA THR A 98 8.94 21.67 17.45
C THR A 98 8.92 23.20 17.23
N GLN A 99 8.00 23.90 17.88
CA GLN A 99 8.01 25.37 17.79
C GLN A 99 9.27 25.95 18.41
N VAL A 100 9.85 25.19 19.33
CA VAL A 100 11.02 25.61 20.06
C VAL A 100 12.26 24.89 19.54
N GLN A 101 12.13 23.58 19.31
CA GLN A 101 13.19 22.77 18.70
C GLN A 101 12.97 22.75 17.18
N ARG A 102 13.35 23.85 16.53
CA ARG A 102 13.00 24.11 15.14
C ARG A 102 13.75 23.22 14.16
N ASP A 103 14.73 22.51 14.70
CA ASP A 103 15.49 21.40 14.13
C ASP A 103 14.59 20.23 13.69
N MET A 104 13.53 19.98 14.45
CA MET A 104 12.69 18.81 14.26
C MET A 104 11.30 19.16 13.70
N PHE A 105 10.68 18.18 13.04
CA PHE A 105 9.48 18.38 12.24
C PHE A 105 8.46 17.34 12.59
N THR A 106 7.27 17.80 12.95
CA THR A 106 6.12 16.93 12.92
C THR A 106 5.53 17.11 11.54
N LEU A 107 4.55 16.27 11.24
CA LEU A 107 3.84 16.37 9.98
C LEU A 107 3.19 17.74 9.82
N GLU A 108 2.74 18.31 10.93
CA GLU A 108 2.04 19.59 10.89
C GLU A 108 3.03 20.75 10.78
N ASP A 109 4.33 20.43 10.72
CA ASP A 109 5.35 21.42 10.44
C ASP A 109 5.77 21.43 8.97
N THR A 110 5.18 20.52 8.18
CA THR A 110 5.32 20.56 6.71
C THR A 110 4.16 21.38 6.18
N LEU A 111 4.26 21.87 4.95
CA LEU A 111 3.22 22.72 4.38
C LEU A 111 1.86 22.04 4.49
N LEU A 112 1.76 20.81 4.01
CA LEU A 112 0.47 20.13 3.90
C LEU A 112 -0.14 19.84 5.25
N GLY A 113 0.67 19.36 6.19
CA GLY A 113 0.17 19.13 7.54
C GLY A 113 -0.25 20.43 8.21
N TYR A 114 0.51 21.50 7.97
CA TYR A 114 0.21 22.79 8.57
C TYR A 114 -1.10 23.36 8.03
N LEU A 115 -1.34 23.15 6.74
CA LEU A 115 -2.54 23.67 6.07
C LEU A 115 -3.78 23.09 6.71
N ALA A 116 -3.71 21.80 7.05
CA ALA A 116 -4.89 21.02 7.38
C ALA A 116 -5.12 20.83 8.87
N ASP A 117 -4.10 21.07 9.69
CA ASP A 117 -4.17 20.80 11.13
C ASP A 117 -5.37 21.44 11.81
N ASP A 118 -6.11 20.62 12.54
CA ASP A 118 -7.32 21.03 13.27
C ASP A 118 -8.49 21.45 12.39
N LEU A 119 -8.38 21.24 11.09
CA LEU A 119 -9.48 21.58 10.21
C LEU A 119 -10.27 20.33 9.82
N THR A 120 -11.53 20.55 9.48
CA THR A 120 -12.42 19.55 8.91
C THR A 120 -12.92 20.11 7.59
N TRP A 121 -13.07 19.24 6.59
CA TRP A 121 -13.62 19.67 5.30
C TRP A 121 -14.25 18.47 4.62
N CYS A 122 -15.27 18.75 3.81
CA CYS A 122 -15.83 17.74 2.93
C CYS A 122 -16.69 18.46 1.93
N GLY A 123 -17.00 17.77 0.84
CA GLY A 123 -17.87 18.31 -0.18
C GLY A 123 -19.09 17.43 -0.25
N GLU A 124 -19.82 17.54 -1.35
CA GLU A 124 -21.02 16.77 -1.60
C GLU A 124 -20.91 16.20 -2.98
N PHE A 125 -21.48 15.03 -3.21
CA PHE A 125 -21.44 14.47 -4.56
C PHE A 125 -22.23 15.34 -5.56
N ASP A 126 -23.46 15.68 -5.21
CA ASP A 126 -24.38 16.26 -6.18
C ASP A 126 -24.16 17.76 -6.49
N THR A 127 -23.07 18.34 -5.98
CA THR A 127 -22.83 19.77 -6.11
C THR A 127 -21.35 20.09 -6.01
N SER A 128 -21.00 21.35 -6.27
CA SER A 128 -19.62 21.77 -6.17
C SER A 128 -19.36 22.65 -4.94
N LYS A 129 -20.27 22.60 -3.97
CA LYS A 129 -20.12 23.38 -2.75
C LYS A 129 -19.36 22.62 -1.64
N ILE A 130 -18.76 23.39 -0.73
CA ILE A 130 -18.14 22.88 0.48
C ILE A 130 -19.24 22.68 1.51
N ASN A 131 -19.23 21.55 2.20
CA ASN A 131 -20.27 21.23 3.17
C ASN A 131 -19.86 21.72 4.56
N TYR A 132 -20.47 22.83 4.98
CA TYR A 132 -20.19 23.40 6.30
C TYR A 132 -21.14 22.89 7.36
N GLN A 133 -22.12 22.11 6.93
CA GLN A 133 -23.14 21.57 7.83
C GLN A 133 -22.63 20.34 8.58
N SER A 134 -22.14 19.33 7.84
CA SER A 134 -21.65 18.10 8.44
C SER A 134 -20.72 17.37 7.50
N CYS A 135 -19.82 16.58 8.09
CA CYS A 135 -18.91 15.76 7.32
C CYS A 135 -18.87 14.39 7.95
N PRO A 136 -18.56 13.35 7.14
CA PRO A 136 -18.54 12.00 7.67
C PRO A 136 -17.61 11.86 8.85
N ASP A 137 -18.07 11.20 9.90
CA ASP A 137 -17.20 10.82 10.99
C ASP A 137 -16.53 9.51 10.59
N TRP A 138 -15.21 9.40 10.78
CA TRP A 138 -14.46 8.18 10.42
C TRP A 138 -15.14 6.90 10.93
N ARG A 139 -15.83 7.03 12.06
CA ARG A 139 -16.37 5.89 12.75
C ARG A 139 -17.88 5.74 12.52
N LYS A 140 -18.62 6.79 12.87
CA LYS A 140 -20.08 6.74 12.80
C LYS A 140 -20.59 6.85 11.37
N ASP A 141 -19.71 7.21 10.42
CA ASP A 141 -20.12 7.33 9.02
C ASP A 141 -19.34 6.46 8.04
N CYS A 142 -18.09 6.82 7.73
CA CYS A 142 -17.32 6.12 6.70
C CYS A 142 -15.86 6.52 6.76
N SER A 143 -14.99 5.61 6.35
CA SER A 143 -13.55 5.81 6.52
C SER A 143 -12.90 6.57 5.36
N ASN A 144 -13.43 6.41 4.14
CA ASN A 144 -12.80 7.06 3.00
C ASN A 144 -13.34 8.48 2.80
N ASN A 145 -13.27 9.28 3.85
CA ASN A 145 -13.76 10.66 3.80
C ASN A 145 -12.59 11.61 3.51
N PRO A 146 -12.88 12.86 3.09
CA PRO A 146 -11.80 13.77 2.71
C PRO A 146 -10.73 13.96 3.78
N VAL A 147 -11.16 14.04 5.04
CA VAL A 147 -10.19 14.28 6.10
C VAL A 147 -9.35 13.03 6.39
N SER A 148 -10.00 11.89 6.57
CA SER A 148 -9.28 10.65 6.92
C SER A 148 -8.35 10.23 5.82
N VAL A 149 -8.80 10.38 4.57
CA VAL A 149 -7.96 10.03 3.41
C VAL A 149 -6.74 10.95 3.28
N PHE A 150 -6.93 12.25 3.49
CA PHE A 150 -5.81 13.18 3.49
C PHE A 150 -4.81 12.78 4.57
N TRP A 151 -5.26 12.64 5.81
CA TRP A 151 -4.34 12.36 6.91
C TRP A 151 -3.63 11.02 6.75
N LYS A 152 -4.36 9.99 6.33
CA LYS A 152 -3.70 8.70 6.08
C LYS A 152 -2.59 8.84 5.00
N THR A 153 -2.89 9.56 3.92
CA THR A 153 -1.95 9.71 2.81
C THR A 153 -0.71 10.47 3.21
N VAL A 154 -0.88 11.65 3.79
CA VAL A 154 0.29 12.47 4.19
C VAL A 154 1.01 11.86 5.38
N SER A 155 0.29 11.20 6.27
CA SER A 155 0.92 10.52 7.41
C SER A 155 1.77 9.35 6.95
N ARG A 156 1.27 8.59 5.97
CA ARG A 156 2.06 7.53 5.34
C ARG A 156 3.31 8.12 4.70
N ARG A 157 3.13 9.14 3.86
CA ARG A 157 4.27 9.67 3.13
C ARG A 157 5.32 10.28 4.05
N PHE A 158 4.88 10.86 5.17
CA PHE A 158 5.79 11.44 6.16
C PHE A 158 6.60 10.31 6.80
N ALA A 159 5.92 9.20 7.10
CA ALA A 159 6.59 8.05 7.68
C ALA A 159 7.59 7.45 6.68
N GLU A 160 7.21 7.39 5.42
CA GLU A 160 8.08 6.85 4.36
C GLU A 160 9.34 7.71 4.17
N ALA A 161 9.21 8.98 4.49
CA ALA A 161 10.30 9.94 4.34
C ALA A 161 11.36 9.79 5.42
N ALA A 162 11.00 9.16 6.55
CA ALA A 162 11.85 9.19 7.73
C ALA A 162 13.02 8.26 7.60
N CYS A 163 14.10 8.59 8.30
CA CYS A 163 15.29 7.79 8.24
C CYS A 163 16.01 7.91 9.60
N ASP A 164 17.02 7.07 9.79
CA ASP A 164 17.88 7.13 10.97
C ASP A 164 17.09 6.94 12.25
N VAL A 165 17.16 7.90 13.17
CA VAL A 165 16.39 7.79 14.39
C VAL A 165 15.12 8.62 14.20
N VAL A 166 13.98 7.93 14.34
CA VAL A 166 12.67 8.54 14.19
C VAL A 166 12.11 8.55 15.61
N HIS A 167 11.62 9.71 16.04
CA HIS A 167 11.09 9.84 17.41
C HIS A 167 9.58 9.90 17.36
N VAL A 168 8.94 9.40 18.41
CA VAL A 168 7.49 9.46 18.49
C VAL A 168 7.12 9.84 19.90
N MET A 169 6.32 10.89 20.01
CA MET A 169 5.81 11.31 21.29
C MET A 169 4.50 10.58 21.57
N LEU A 170 4.37 9.96 22.74
CA LEU A 170 3.16 9.22 23.08
C LEU A 170 2.60 9.76 24.39
N ASP A 171 1.28 9.72 24.51
CA ASP A 171 0.62 10.18 25.72
C ASP A 171 0.55 9.05 26.75
N GLY A 172 1.40 9.13 27.76
CA GLY A 172 1.45 8.11 28.81
C GLY A 172 0.22 8.06 29.71
N SER A 173 -0.74 8.93 29.47
CA SER A 173 -1.98 8.97 30.26
C SER A 173 -3.19 8.29 29.59
N ARG A 174 -2.98 7.60 28.47
CA ARG A 174 -4.09 7.05 27.67
C ARG A 174 -4.62 5.67 28.06
N SER A 175 -3.77 4.81 28.63
CA SER A 175 -4.14 3.40 28.93
C SER A 175 -4.03 2.48 27.71
N LYS A 176 -4.01 3.06 26.51
CA LYS A 176 -3.32 2.47 25.38
C LYS A 176 -2.30 3.52 24.98
N ILE A 177 -1.16 3.52 25.68
CA ILE A 177 -0.10 4.49 25.42
C ILE A 177 0.34 4.36 23.96
N PHE A 178 0.64 3.12 23.56
CA PHE A 178 0.70 2.79 22.16
C PHE A 178 -0.60 2.15 21.74
N ASP A 179 -1.27 2.78 20.78
CA ASP A 179 -2.51 2.27 20.26
C ASP A 179 -2.31 1.85 18.81
N LYS A 180 -2.44 0.55 18.57
CA LYS A 180 -2.34 -0.03 17.23
C LYS A 180 -3.33 0.59 16.24
N ASP A 181 -4.43 1.11 16.76
CA ASP A 181 -5.53 1.62 15.93
C ASP A 181 -5.41 3.11 15.64
N SER A 182 -4.45 3.78 16.25
CA SER A 182 -4.17 5.19 15.94
C SER A 182 -3.49 5.32 14.57
N THR A 183 -3.48 6.51 14.01
CA THR A 183 -2.76 6.72 12.75
C THR A 183 -1.29 6.37 12.90
N PHE A 184 -0.67 6.78 13.99
CA PHE A 184 0.70 6.35 14.24
C PHE A 184 0.80 4.84 14.19
N GLY A 185 -0.06 4.17 14.96
CA GLY A 185 -0.01 2.71 15.10
C GLY A 185 -0.36 1.92 13.86
N SER A 186 -1.32 2.42 13.08
CA SER A 186 -1.87 1.66 11.97
C SER A 186 -1.22 1.97 10.63
N VAL A 187 -0.71 3.18 10.49
CA VAL A 187 -0.18 3.66 9.21
C VAL A 187 1.33 3.93 9.33
N GLN A 188 1.72 4.75 10.30
CA GLN A 188 3.10 5.22 10.32
C GLN A 188 4.09 4.13 10.75
N VAL A 189 3.75 3.39 11.80
CA VAL A 189 4.58 2.26 12.22
C VAL A 189 4.90 1.30 11.05
N HIS A 190 3.93 1.12 10.15
CA HIS A 190 4.03 0.13 9.07
C HIS A 190 4.57 0.70 7.78
N ASN A 191 4.88 2.00 7.82
CA ASN A 191 5.48 2.68 6.67
C ASN A 191 6.84 3.30 6.90
N LEU A 192 7.39 3.10 8.09
CA LEU A 192 8.81 3.36 8.35
C LEU A 192 9.62 2.37 7.54
N GLN A 193 10.54 2.88 6.73
CA GLN A 193 11.28 2.02 5.81
C GLN A 193 12.41 1.34 6.53
N PRO A 194 12.38 0.00 6.63
CA PRO A 194 13.44 -0.77 7.27
C PRO A 194 14.81 -0.54 6.67
N GLU A 195 14.88 -0.20 5.38
CA GLU A 195 16.14 0.10 4.73
C GLU A 195 16.77 1.40 5.27
N LYS A 196 15.94 2.32 5.76
CA LYS A 196 16.38 3.68 6.11
C LYS A 196 16.34 3.96 7.62
N VAL A 197 15.34 3.39 8.28
CA VAL A 197 15.10 3.71 9.69
C VAL A 197 15.89 2.79 10.61
N GLN A 198 16.76 3.40 11.41
CA GLN A 198 17.63 2.67 12.29
C GLN A 198 16.91 2.34 13.60
N THR A 199 16.25 3.34 14.16
CA THR A 199 15.62 3.25 15.47
C THR A 199 14.34 4.08 15.49
N LEU A 200 13.31 3.53 16.10
CA LEU A 200 12.16 4.32 16.51
C LEU A 200 12.30 4.52 18.02
N GLU A 201 12.33 5.78 18.44
CA GLU A 201 12.44 6.06 19.85
C GLU A 201 11.16 6.74 20.32
N ALA A 202 10.52 6.15 21.32
CA ALA A 202 9.31 6.70 21.88
C ALA A 202 9.63 7.56 23.09
N TRP A 203 8.97 8.72 23.17
CA TRP A 203 9.05 9.56 24.34
C TRP A 203 7.67 9.50 24.96
N VAL A 204 7.55 8.87 26.12
CA VAL A 204 6.26 8.62 26.71
C VAL A 204 6.01 9.72 27.74
N ILE A 205 5.04 10.58 27.43
CA ILE A 205 4.76 11.79 28.19
C ILE A 205 3.84 11.46 29.36
N HIS A 206 4.29 11.73 30.58
CA HIS A 206 3.47 11.52 31.77
C HIS A 206 2.50 12.69 31.95
N GLY A 207 1.29 12.42 32.44
CA GLY A 207 0.28 13.47 32.57
C GLY A 207 -0.67 13.40 33.76
N GLY A 208 -0.12 13.44 34.98
CA GLY A 208 -0.96 13.32 36.16
C GLY A 208 -0.29 13.55 37.51
N ARG A 209 -0.89 12.97 38.55
CA ARG A 209 -0.49 13.17 39.95
C ARG A 209 0.73 12.34 40.36
N GLU A 210 1.57 12.96 41.19
CA GLU A 210 2.69 12.31 41.91
C GLU A 210 3.65 11.46 41.06
N ASP A 211 4.49 10.67 41.75
CA ASP A 211 5.57 9.87 41.13
C ASP A 211 5.02 8.69 40.34
N SER A 212 5.42 8.58 39.07
CA SER A 212 4.78 7.69 38.13
C SER A 212 5.63 6.45 37.85
N ARG A 213 4.98 5.40 37.35
CA ARG A 213 5.67 4.19 36.86
C ARG A 213 6.62 4.50 35.70
N ASP A 214 7.50 3.54 35.43
CA ASP A 214 8.27 3.53 34.22
C ASP A 214 7.35 3.05 33.11
N LEU A 215 6.82 4.01 32.34
CA LEU A 215 5.79 3.67 31.38
C LEU A 215 6.39 3.01 30.15
N CYS A 216 7.71 3.01 30.02
CA CYS A 216 8.33 2.30 28.91
C CYS A 216 8.20 0.79 29.09
N GLN A 217 7.76 0.36 30.26
CA GLN A 217 7.52 -1.06 30.54
C GLN A 217 6.07 -1.45 30.36
N ASP A 218 5.24 -0.49 29.97
CA ASP A 218 3.84 -0.75 29.70
C ASP A 218 3.69 -1.81 28.61
N PRO A 219 2.70 -2.69 28.75
CA PRO A 219 2.46 -3.75 27.76
C PRO A 219 2.23 -3.24 26.33
N THR A 220 1.62 -2.07 26.16
CA THR A 220 1.44 -1.52 24.82
C THR A 220 2.75 -1.05 24.22
N ILE A 221 3.68 -0.62 25.07
CA ILE A 221 5.02 -0.26 24.60
C ILE A 221 5.82 -1.52 24.19
N LYS A 222 5.67 -2.61 24.96
CA LYS A 222 6.23 -3.89 24.56
C LYS A 222 5.62 -4.36 23.23
N GLU A 223 4.32 -4.15 23.07
CA GLU A 223 3.66 -4.40 21.79
C GLU A 223 4.34 -3.62 20.66
N LEU A 224 4.52 -2.32 20.85
CA LEU A 224 5.14 -1.47 19.81
C LEU A 224 6.55 -1.94 19.49
N GLU A 225 7.31 -2.22 20.54
CA GLU A 225 8.68 -2.70 20.40
C GLU A 225 8.72 -3.96 19.55
N SER A 226 7.82 -4.89 19.86
CA SER A 226 7.73 -6.16 19.17
C SER A 226 7.42 -5.97 17.69
N ILE A 227 6.41 -5.14 17.40
CA ILE A 227 6.00 -4.86 16.01
C ILE A 227 7.16 -4.31 15.21
N ILE A 228 7.78 -3.27 15.75
CA ILE A 228 8.86 -2.58 15.05
C ILE A 228 10.08 -3.49 14.91
N SER A 229 10.37 -4.29 15.93
CA SER A 229 11.53 -5.19 15.89
C SER A 229 11.39 -6.18 14.76
N LYS A 230 10.17 -6.68 14.56
CA LYS A 230 9.90 -7.61 13.48
C LYS A 230 10.21 -6.95 12.15
N ARG A 231 9.96 -5.65 12.05
CA ARG A 231 10.24 -4.92 10.83
C ARG A 231 11.73 -4.59 10.68
N ASN A 232 12.59 -5.18 11.52
CA ASN A 232 14.04 -4.93 11.53
C ASN A 232 14.46 -3.48 11.87
N ILE A 233 13.72 -2.86 12.79
CA ILE A 233 14.00 -1.51 13.27
C ILE A 233 14.18 -1.61 14.79
N GLN A 234 15.18 -0.90 15.33
CA GLN A 234 15.46 -0.97 16.75
C GLN A 234 14.48 -0.10 17.50
N PHE A 235 14.26 -0.42 18.77
CA PHE A 235 13.35 0.36 19.57
C PHE A 235 14.02 0.92 20.79
N SER A 236 13.70 2.17 21.07
CA SER A 236 14.18 2.87 22.24
C SER A 236 12.98 3.54 22.88
N CYS A 237 13.03 3.75 24.19
CA CYS A 237 11.94 4.41 24.88
C CYS A 237 12.46 5.27 26.02
N LYS A 238 11.88 6.46 26.15
CA LYS A 238 12.23 7.39 27.21
C LYS A 238 10.96 7.86 27.87
N ASN A 239 10.98 7.90 29.20
CA ASN A 239 9.94 8.56 29.96
C ASN A 239 10.21 10.06 29.98
N ILE A 240 9.20 10.85 29.69
CA ILE A 240 9.25 12.26 30.01
C ILE A 240 8.27 12.44 31.17
N TYR A 241 8.83 12.46 32.38
CA TYR A 241 8.07 12.51 33.63
C TYR A 241 7.40 13.83 33.89
N ARG A 242 8.10 14.91 33.54
CA ARG A 242 7.58 16.26 33.76
C ARG A 242 7.64 17.02 32.44
N PRO A 243 6.52 17.04 31.68
CA PRO A 243 6.46 17.73 30.40
C PRO A 243 6.72 19.23 30.50
N ASP A 244 6.30 19.85 31.62
CA ASP A 244 6.53 21.27 31.86
C ASP A 244 8.02 21.59 31.97
N LYS A 245 8.74 20.81 32.77
CA LYS A 245 10.18 20.94 32.87
C LYS A 245 10.88 20.52 31.56
N PHE A 246 10.34 19.50 30.91
CA PHE A 246 10.83 19.11 29.58
C PHE A 246 10.88 20.32 28.63
N LEU A 247 9.74 20.96 28.43
CA LEU A 247 9.67 22.13 27.56
C LEU A 247 10.56 23.28 28.00
N GLN A 248 10.64 23.49 29.31
CA GLN A 248 11.47 24.53 29.85
C GLN A 248 12.92 24.26 29.52
N CYS A 249 13.33 22.99 29.62
CA CYS A 249 14.67 22.59 29.24
C CYS A 249 14.90 22.75 27.73
N VAL A 250 13.87 22.46 26.94
CA VAL A 250 13.97 22.64 25.50
C VAL A 250 14.17 24.13 25.16
N LYS A 251 13.44 25.01 25.84
CA LYS A 251 13.46 26.45 25.57
C LYS A 251 14.79 27.11 25.94
N ASN A 252 15.43 26.59 26.96
CA ASN A 252 16.75 27.06 27.38
C ASN A 252 17.61 25.87 27.84
N PRO A 253 18.22 25.17 26.86
CA PRO A 253 18.96 23.93 27.11
C PRO A 253 20.32 24.16 27.75
N GLU A 254 20.97 25.26 27.43
CA GLU A 254 22.22 25.66 28.06
C GLU A 254 21.89 26.17 29.46
N ASP A 255 21.54 25.22 30.33
CA ASP A 255 21.12 25.48 31.71
C ASP A 255 21.29 24.21 32.55
N SER A 256 22.01 24.34 33.67
CA SER A 256 22.16 23.25 34.63
C SER A 256 20.79 22.77 35.10
N SER A 257 20.68 21.46 35.29
CA SER A 257 19.43 20.76 35.68
C SER A 257 18.72 20.14 34.48
N CYS A 258 19.10 20.58 33.29
CA CYS A 258 18.59 20.04 32.02
C CYS A 258 19.63 19.13 31.37
N ARG B 7 -14.83 -11.35 19.09
CA ARG B 7 -15.74 -10.21 19.40
C ARG B 7 -16.42 -9.70 18.13
N TRP B 8 -16.99 -8.50 18.21
CA TRP B 8 -17.81 -7.94 17.15
C TRP B 8 -16.99 -7.10 16.17
N ARG B 9 -15.73 -6.82 16.50
CA ARG B 9 -14.87 -5.96 15.69
C ARG B 9 -13.93 -6.76 14.79
N GLN B 10 -14.04 -6.58 13.49
CA GLN B 10 -13.06 -7.19 12.60
C GLN B 10 -11.90 -6.21 12.38
N THR B 11 -10.73 -6.76 12.12
CA THR B 11 -9.50 -5.98 12.07
C THR B 11 -9.31 -5.36 10.71
N TRP B 12 -9.66 -6.09 9.66
CA TRP B 12 -9.34 -5.68 8.30
C TRP B 12 -10.57 -5.46 7.45
N SER B 13 -10.37 -4.79 6.31
CA SER B 13 -11.43 -4.45 5.35
C SER B 13 -11.68 -5.56 4.35
N GLY B 14 -10.64 -6.34 4.07
CA GLY B 14 -10.67 -7.34 3.01
C GLY B 14 -11.23 -8.65 3.51
N PRO B 15 -11.56 -9.57 2.58
CA PRO B 15 -12.03 -10.90 2.95
C PRO B 15 -10.96 -11.62 3.77
N GLY B 16 -11.42 -12.51 4.64
CA GLY B 16 -10.51 -13.28 5.46
C GLY B 16 -9.88 -14.43 4.70
N THR B 17 -9.10 -15.23 5.41
CA THR B 17 -8.46 -16.39 4.80
C THR B 17 -9.53 -17.33 4.25
N THR B 18 -9.28 -17.86 3.05
CA THR B 18 -10.22 -18.80 2.44
C THR B 18 -10.42 -19.96 3.39
N LYS B 19 -11.66 -20.40 3.54
CA LYS B 19 -11.93 -21.52 4.41
C LYS B 19 -11.12 -22.73 3.98
N ARG B 20 -10.63 -23.47 4.97
CA ARG B 20 -9.85 -24.68 4.75
C ARG B 20 -8.64 -24.40 3.88
N PHE B 21 -8.10 -23.20 4.04
CA PHE B 21 -6.89 -22.80 3.35
C PHE B 21 -5.76 -23.83 3.46
N PRO B 22 -5.41 -24.31 4.68
CA PRO B 22 -4.34 -25.28 4.80
C PRO B 22 -4.61 -26.54 3.99
N GLU B 23 -5.81 -27.10 4.15
CA GLU B 23 -6.19 -28.31 3.40
C GLU B 23 -6.15 -28.06 1.90
N THR B 24 -6.58 -26.87 1.48
CA THR B 24 -6.62 -26.52 0.07
C THR B 24 -5.23 -26.46 -0.54
N VAL B 25 -4.33 -25.72 0.10
CA VAL B 25 -2.95 -25.59 -0.37
C VAL B 25 -2.30 -26.96 -0.45
N LEU B 26 -2.53 -27.76 0.59
CA LEU B 26 -2.04 -29.13 0.63
C LEU B 26 -2.60 -29.97 -0.52
N ALA B 27 -3.91 -29.92 -0.72
CA ALA B 27 -4.57 -30.70 -1.77
C ALA B 27 -4.09 -30.25 -3.14
N ARG B 28 -3.96 -28.94 -3.32
CA ARG B 28 -3.51 -28.39 -4.60
C ARG B 28 -2.07 -28.81 -4.91
N CYS B 29 -1.24 -28.86 -3.87
CA CYS B 29 0.14 -29.30 -4.03
C CYS B 29 0.20 -30.76 -4.45
N VAL B 30 -0.58 -31.60 -3.76
CA VAL B 30 -0.67 -33.01 -4.12
C VAL B 30 -1.17 -33.16 -5.55
N LYS B 31 -2.23 -32.42 -5.89
CA LYS B 31 -2.79 -32.47 -7.24
C LYS B 31 -1.76 -32.06 -8.30
N TYR B 32 -1.09 -30.93 -8.08
CA TYR B 32 -0.11 -30.43 -9.03
C TYR B 32 1.02 -31.42 -9.29
N THR B 33 1.50 -32.05 -8.22
CA THR B 33 2.62 -33.00 -8.33
C THR B 33 2.13 -34.24 -9.06
N GLU B 34 0.86 -34.57 -8.87
CA GLU B 34 0.24 -35.66 -9.62
C GLU B 34 0.18 -35.36 -11.13
N ILE B 35 -0.28 -34.17 -11.48
CA ILE B 35 -0.37 -33.74 -12.88
C ILE B 35 1.00 -33.50 -13.49
N HIS B 36 1.90 -32.88 -12.72
CA HIS B 36 3.25 -32.59 -13.20
C HIS B 36 4.28 -33.50 -12.53
N PRO B 37 4.71 -34.56 -13.25
CA PRO B 37 5.70 -35.48 -12.70
C PRO B 37 7.06 -34.83 -12.42
N GLU B 38 7.40 -33.78 -13.17
CA GLU B 38 8.67 -33.08 -12.99
C GLU B 38 8.77 -32.36 -11.65
N MET B 39 7.63 -32.16 -10.99
CA MET B 39 7.56 -31.53 -9.67
C MET B 39 7.24 -32.49 -8.51
N ARG B 40 7.33 -33.80 -8.75
CA ARG B 40 6.95 -34.81 -7.74
C ARG B 40 7.92 -34.92 -6.57
N HIS B 41 9.07 -34.27 -6.72
CA HIS B 41 10.06 -34.20 -5.65
C HIS B 41 9.59 -33.35 -4.47
N VAL B 42 8.62 -32.48 -4.71
CA VAL B 42 8.13 -31.55 -3.70
C VAL B 42 7.44 -32.29 -2.56
N ASP B 43 7.83 -31.98 -1.32
CA ASP B 43 7.14 -32.47 -0.12
C ASP B 43 6.07 -31.43 0.22
N CYS B 44 4.82 -31.79 -0.02
CA CYS B 44 3.71 -30.84 0.09
C CYS B 44 3.46 -30.34 1.49
N GLN B 45 3.75 -31.18 2.48
CA GLN B 45 3.72 -30.79 3.88
C GLN B 45 4.80 -29.72 4.13
N SER B 46 6.00 -29.96 3.60
CA SER B 46 7.08 -28.97 3.69
C SER B 46 6.66 -27.66 3.02
N VAL B 47 6.04 -27.77 1.85
CA VAL B 47 5.56 -26.58 1.13
C VAL B 47 4.54 -25.83 1.96
N TRP B 48 3.58 -26.56 2.54
CA TRP B 48 2.62 -25.92 3.44
C TRP B 48 3.32 -25.23 4.61
N ASP B 49 4.22 -25.95 5.25
CA ASP B 49 4.97 -25.38 6.38
C ASP B 49 5.68 -24.07 6.01
N ALA B 50 6.26 -24.02 4.81
CA ALA B 50 6.98 -22.83 4.32
C ALA B 50 6.02 -21.71 3.98
N PHE B 51 4.87 -22.08 3.42
CA PHE B 51 3.85 -21.10 3.10
C PHE B 51 3.37 -20.45 4.40
N LYS B 52 2.94 -21.30 5.32
CA LYS B 52 2.49 -20.93 6.66
C LYS B 52 3.52 -20.07 7.38
N GLY B 53 4.78 -20.48 7.28
CA GLY B 53 5.90 -19.76 7.87
C GLY B 53 6.04 -18.32 7.40
N ALA B 54 5.73 -18.07 6.13
CA ALA B 54 5.82 -16.73 5.56
C ALA B 54 4.93 -15.69 6.25
N PHE B 55 3.76 -16.10 6.75
CA PHE B 55 2.80 -15.11 7.22
C PHE B 55 2.26 -15.31 8.64
N ILE B 56 2.36 -16.53 9.17
CA ILE B 56 1.81 -16.82 10.49
C ILE B 56 2.61 -16.11 11.58
N SER B 57 1.90 -15.59 12.58
CA SER B 57 2.50 -14.89 13.72
C SER B 57 3.12 -13.57 13.30
N LYS B 58 2.86 -13.14 12.07
CA LYS B 58 3.45 -11.92 11.54
C LYS B 58 2.38 -10.87 11.34
N HIS B 59 2.73 -9.61 11.56
CA HIS B 59 1.76 -8.55 11.35
C HIS B 59 1.47 -8.54 9.85
N PRO B 60 0.19 -8.66 9.46
CA PRO B 60 -0.13 -8.76 8.04
C PRO B 60 0.03 -7.49 7.21
N CYS B 61 0.61 -6.43 7.77
CA CYS B 61 1.03 -5.28 6.97
C CYS B 61 2.55 -5.18 6.88
N ASP B 62 3.24 -6.15 7.49
CA ASP B 62 4.69 -6.12 7.62
C ASP B 62 5.39 -7.26 6.86
N ILE B 63 4.66 -7.89 5.95
CA ILE B 63 5.18 -9.03 5.19
C ILE B 63 6.19 -8.54 4.14
N THR B 64 7.27 -9.29 3.97
CA THR B 64 8.28 -8.90 3.00
C THR B 64 8.52 -10.07 2.05
N GLU B 65 9.21 -9.81 0.96
CA GLU B 65 9.49 -10.86 -0.01
C GLU B 65 10.35 -11.94 0.67
N GLU B 66 11.20 -11.49 1.59
CA GLU B 66 12.06 -12.38 2.39
C GLU B 66 11.25 -13.43 3.16
N ASP B 67 10.06 -13.05 3.62
CA ASP B 67 9.18 -13.98 4.32
C ASP B 67 8.84 -15.20 3.47
N TYR B 68 8.80 -15.00 2.15
CA TYR B 68 8.42 -16.06 1.21
C TYR B 68 9.57 -16.84 0.60
N GLN B 69 10.79 -16.48 0.96
CA GLN B 69 11.95 -17.15 0.37
C GLN B 69 11.93 -18.67 0.60
N PRO B 70 11.69 -19.13 1.84
CA PRO B 70 11.61 -20.58 2.01
C PRO B 70 10.62 -21.22 1.05
N LEU B 71 9.42 -20.68 0.96
CA LEU B 71 8.44 -21.15 -0.01
C LEU B 71 8.96 -21.11 -1.45
N MET B 72 9.53 -19.98 -1.87
CA MET B 72 10.06 -19.78 -3.23
C MET B 72 11.08 -20.86 -3.55
N LYS B 73 11.95 -21.13 -2.60
CA LYS B 73 12.98 -22.13 -2.76
C LYS B 73 12.36 -23.52 -2.95
N LEU B 74 11.42 -23.89 -2.09
CA LEU B 74 10.72 -25.17 -2.22
C LEU B 74 9.92 -25.28 -3.54
N GLY B 75 9.39 -24.17 -4.00
CA GLY B 75 8.56 -24.16 -5.20
C GLY B 75 9.34 -23.90 -6.47
N THR B 76 10.68 -23.96 -6.39
CA THR B 76 11.55 -23.75 -7.54
C THR B 76 11.06 -24.58 -8.72
N GLN B 77 10.86 -23.90 -9.85
CA GLN B 77 10.38 -24.55 -11.06
C GLN B 77 10.82 -23.81 -12.30
N THR B 78 11.43 -24.54 -13.22
CA THR B 78 11.80 -23.95 -14.49
C THR B 78 10.78 -24.29 -15.58
N VAL B 79 10.17 -23.26 -16.13
CA VAL B 79 9.35 -23.39 -17.33
C VAL B 79 10.16 -22.84 -18.51
N PRO B 80 9.83 -23.27 -19.75
CA PRO B 80 10.56 -22.73 -20.91
C PRO B 80 10.32 -21.23 -20.97
N CYS B 81 11.40 -20.46 -20.90
CA CYS B 81 11.32 -19.00 -20.74
C CYS B 81 10.64 -18.29 -21.91
N ASN B 82 10.64 -18.94 -23.08
CA ASN B 82 9.97 -18.41 -24.27
C ASN B 82 8.50 -18.80 -24.39
N LYS B 83 7.95 -19.40 -23.33
CA LYS B 83 6.58 -19.90 -23.37
C LYS B 83 5.72 -19.27 -22.29
N ILE B 84 6.06 -18.05 -21.92
CA ILE B 84 5.41 -17.39 -20.80
C ILE B 84 4.27 -16.49 -21.29
N LEU B 85 3.12 -16.68 -20.66
CA LEU B 85 1.96 -15.83 -20.88
C LEU B 85 1.65 -15.04 -19.60
N LEU B 86 1.82 -13.72 -19.69
CA LEU B 86 1.42 -12.81 -18.63
C LEU B 86 0.01 -12.39 -18.96
N TRP B 87 -0.68 -11.84 -17.96
CA TRP B 87 -2.04 -11.37 -18.18
C TRP B 87 -2.33 -10.22 -17.23
N SER B 88 -3.38 -9.46 -17.52
CA SER B 88 -3.86 -8.44 -16.60
C SER B 88 -5.34 -8.33 -16.81
N ARG B 89 -6.10 -8.58 -15.73
CA ARG B 89 -7.56 -8.35 -15.70
C ARG B 89 -8.36 -9.36 -16.51
N ILE B 90 -7.71 -10.40 -17.03
CA ILE B 90 -8.40 -11.44 -17.80
C ILE B 90 -7.77 -12.81 -17.55
N LYS B 91 -7.75 -13.20 -16.28
CA LYS B 91 -7.11 -14.45 -15.86
C LYS B 91 -7.77 -15.70 -16.41
N ASP B 92 -9.10 -15.67 -16.56
CA ASP B 92 -9.83 -16.84 -16.98
C ASP B 92 -9.48 -17.26 -18.41
N LEU B 93 -9.51 -16.33 -19.35
CA LEU B 93 -9.16 -16.62 -20.75
C LEU B 93 -7.70 -17.04 -20.85
N ALA B 94 -6.81 -16.32 -20.15
CA ALA B 94 -5.40 -16.68 -20.11
C ALA B 94 -5.21 -18.15 -19.68
N HIS B 95 -5.90 -18.54 -18.62
CA HIS B 95 -5.84 -19.92 -18.13
C HIS B 95 -6.44 -20.92 -19.09
N GLN B 96 -7.60 -20.57 -19.67
CA GLN B 96 -8.25 -21.42 -20.67
C GLN B 96 -7.32 -21.60 -21.86
N PHE B 97 -6.60 -20.54 -22.23
CA PHE B 97 -5.64 -20.59 -23.34
C PHE B 97 -4.51 -21.56 -23.08
N THR B 98 -3.95 -21.55 -21.87
CA THR B 98 -2.86 -22.48 -21.56
C THR B 98 -3.35 -23.90 -21.29
N GLN B 99 -4.63 -24.04 -20.99
CA GLN B 99 -5.24 -25.37 -20.89
C GLN B 99 -5.31 -26.03 -22.27
N VAL B 100 -5.47 -25.21 -23.31
CA VAL B 100 -5.56 -25.67 -24.69
C VAL B 100 -4.18 -25.73 -25.35
N GLN B 101 -3.46 -24.61 -25.28
CA GLN B 101 -2.08 -24.54 -25.70
C GLN B 101 -1.22 -24.91 -24.49
N ARG B 102 -0.98 -26.21 -24.33
CA ARG B 102 -0.33 -26.76 -23.12
C ARG B 102 1.18 -26.51 -23.12
N ASP B 103 1.64 -25.96 -24.24
CA ASP B 103 3.01 -25.48 -24.42
C ASP B 103 3.30 -24.25 -23.55
N MET B 104 2.26 -23.46 -23.28
CA MET B 104 2.40 -22.13 -22.68
C MET B 104 2.07 -22.14 -21.18
N PHE B 105 2.69 -21.23 -20.42
CA PHE B 105 2.49 -21.14 -18.97
C PHE B 105 2.12 -19.73 -18.53
N THR B 106 1.03 -19.63 -17.79
CA THR B 106 0.80 -18.45 -16.96
C THR B 106 1.46 -18.75 -15.61
N LEU B 107 1.62 -17.72 -14.78
CA LEU B 107 2.13 -17.93 -13.43
C LEU B 107 1.34 -18.99 -12.65
N GLU B 108 0.04 -19.05 -12.88
CA GLU B 108 -0.81 -19.98 -12.12
C GLU B 108 -0.73 -21.40 -12.67
N ASP B 109 0.02 -21.58 -13.76
CA ASP B 109 0.32 -22.92 -14.28
C ASP B 109 1.56 -23.52 -13.61
N THR B 110 2.31 -22.70 -12.88
CA THR B 110 3.46 -23.15 -12.09
C THR B 110 2.91 -23.57 -10.73
N LEU B 111 3.65 -24.41 -10.02
CA LEU B 111 3.19 -24.89 -8.71
C LEU B 111 2.76 -23.77 -7.74
N LEU B 112 3.63 -22.78 -7.54
CA LEU B 112 3.35 -21.73 -6.56
C LEU B 112 2.12 -20.91 -6.91
N GLY B 113 2.00 -20.53 -8.18
CA GLY B 113 0.83 -19.79 -8.66
C GLY B 113 -0.42 -20.65 -8.53
N TYR B 114 -0.28 -21.94 -8.81
CA TYR B 114 -1.37 -22.92 -8.71
C TYR B 114 -1.87 -23.08 -7.29
N LEU B 115 -0.96 -23.19 -6.32
CA LEU B 115 -1.31 -23.28 -4.90
C LEU B 115 -2.18 -22.13 -4.42
N ALA B 116 -1.82 -20.92 -4.82
CA ALA B 116 -2.40 -19.75 -4.23
C ALA B 116 -3.50 -19.10 -5.03
N ASP B 117 -3.68 -19.48 -6.29
CA ASP B 117 -4.62 -18.78 -7.18
C ASP B 117 -6.03 -18.74 -6.59
N ASP B 118 -6.63 -17.55 -6.58
CA ASP B 118 -7.99 -17.31 -6.05
C ASP B 118 -8.11 -17.42 -4.53
N LEU B 119 -7.00 -17.63 -3.84
CA LEU B 119 -7.07 -17.76 -2.38
C LEU B 119 -6.65 -16.47 -1.67
N THR B 120 -7.09 -16.33 -0.41
CA THR B 120 -6.73 -15.22 0.43
C THR B 120 -6.26 -15.85 1.73
N TRP B 121 -5.26 -15.23 2.34
CA TRP B 121 -4.72 -15.72 3.61
C TRP B 121 -4.06 -14.57 4.35
N CYS B 122 -4.08 -14.67 5.68
CA CYS B 122 -3.32 -13.78 6.56
C CYS B 122 -3.32 -14.35 7.95
N GLY B 123 -2.34 -13.94 8.73
CA GLY B 123 -2.21 -14.35 10.11
C GLY B 123 -2.47 -13.17 11.01
N GLU B 124 -1.93 -13.24 12.22
CA GLU B 124 -2.12 -12.20 13.21
C GLU B 124 -0.80 -12.03 13.93
N PHE B 125 -0.44 -10.80 14.25
CA PHE B 125 0.83 -10.57 14.92
C PHE B 125 0.91 -11.31 16.24
N ASP B 126 -0.16 -11.23 17.02
CA ASP B 126 -0.10 -11.67 18.43
C ASP B 126 -0.34 -13.17 18.62
N THR B 127 -0.35 -13.94 17.53
CA THR B 127 -0.81 -15.32 17.63
C THR B 127 -0.37 -16.19 16.47
N SER B 128 -0.56 -17.50 16.58
CA SER B 128 -0.24 -18.42 15.49
C SER B 128 -1.48 -18.76 14.66
N LYS B 129 -2.54 -17.96 14.80
CA LYS B 129 -3.81 -18.28 14.18
C LYS B 129 -3.87 -17.74 12.76
N ILE B 130 -4.53 -18.51 11.90
CA ILE B 130 -4.90 -18.01 10.60
C ILE B 130 -6.17 -17.16 10.83
N ASN B 131 -6.18 -15.97 10.30
CA ASN B 131 -7.35 -15.09 10.38
C ASN B 131 -8.35 -15.41 9.26
N TYR B 132 -9.41 -16.14 9.62
CA TYR B 132 -10.45 -16.53 8.69
C TYR B 132 -11.56 -15.51 8.63
N GLN B 133 -11.43 -14.44 9.41
CA GLN B 133 -12.48 -13.44 9.49
C GLN B 133 -12.27 -12.28 8.51
N SER B 134 -11.05 -11.75 8.45
CA SER B 134 -10.73 -10.64 7.54
C SER B 134 -9.23 -10.58 7.36
N CYS B 135 -8.80 -9.99 6.23
CA CYS B 135 -7.38 -9.78 5.90
C CYS B 135 -7.26 -8.42 5.26
N PRO B 136 -6.06 -7.81 5.33
CA PRO B 136 -5.93 -6.46 4.82
C PRO B 136 -6.38 -6.35 3.36
N ASP B 137 -7.17 -5.33 3.05
CA ASP B 137 -7.39 -4.97 1.66
C ASP B 137 -6.18 -4.14 1.21
N TRP B 138 -5.58 -4.49 0.08
CA TRP B 138 -4.32 -3.84 -0.29
C TRP B 138 -4.41 -2.33 -0.53
N ARG B 139 -5.58 -1.87 -0.95
CA ARG B 139 -5.78 -0.45 -1.19
C ARG B 139 -6.22 0.27 0.08
N LYS B 140 -7.10 -0.35 0.85
CA LYS B 140 -7.70 0.32 1.99
C LYS B 140 -6.93 0.12 3.27
N ASP B 141 -6.22 -0.99 3.39
CA ASP B 141 -5.55 -1.29 4.64
C ASP B 141 -4.06 -1.09 4.51
N CYS B 142 -3.39 -2.03 3.82
CA CYS B 142 -1.96 -1.95 3.63
C CYS B 142 -1.58 -2.81 2.43
N SER B 143 -0.60 -2.34 1.67
CA SER B 143 -0.20 -3.02 0.45
C SER B 143 0.76 -4.18 0.70
N ASN B 144 1.43 -4.21 1.86
CA ASN B 144 2.40 -5.27 2.18
C ASN B 144 1.80 -6.36 3.02
N ASN B 145 0.74 -6.94 2.47
CA ASN B 145 0.04 -7.99 3.14
C ASN B 145 0.46 -9.36 2.58
N PRO B 146 0.13 -10.46 3.30
CA PRO B 146 0.55 -11.80 2.87
C PRO B 146 0.23 -12.10 1.41
N VAL B 147 -0.95 -11.71 0.96
CA VAL B 147 -1.38 -12.06 -0.38
C VAL B 147 -0.64 -11.21 -1.41
N SER B 148 -0.68 -9.89 -1.24
CA SER B 148 -0.03 -8.97 -2.17
C SER B 148 1.45 -9.25 -2.31
N VAL B 149 2.12 -9.46 -1.19
CA VAL B 149 3.57 -9.65 -1.20
C VAL B 149 3.90 -10.95 -1.90
N PHE B 150 3.10 -12.00 -1.63
CA PHE B 150 3.28 -13.27 -2.30
C PHE B 150 3.23 -13.06 -3.81
N TRP B 151 2.16 -12.44 -4.30
CA TRP B 151 1.97 -12.27 -5.74
C TRP B 151 2.98 -11.33 -6.36
N LYS B 152 3.35 -10.26 -5.66
CA LYS B 152 4.42 -9.37 -6.16
C LYS B 152 5.70 -10.16 -6.38
N THR B 153 6.04 -11.00 -5.39
CA THR B 153 7.28 -11.77 -5.40
C THR B 153 7.35 -12.77 -6.55
N VAL B 154 6.34 -13.63 -6.67
CA VAL B 154 6.35 -14.65 -7.69
C VAL B 154 6.14 -14.05 -9.07
N SER B 155 5.36 -12.98 -9.15
CA SER B 155 5.10 -12.29 -10.41
C SER B 155 6.35 -11.66 -10.98
N ARG B 156 7.11 -11.00 -10.09
CA ARG B 156 8.41 -10.44 -10.45
C ARG B 156 9.36 -11.52 -10.94
N ARG B 157 9.49 -12.61 -10.18
CA ARG B 157 10.38 -13.71 -10.56
C ARG B 157 9.97 -14.38 -11.87
N PHE B 158 8.67 -14.49 -12.11
CA PHE B 158 8.16 -15.05 -13.37
C PHE B 158 8.54 -14.17 -14.57
N ALA B 159 8.32 -12.87 -14.44
CA ALA B 159 8.69 -11.90 -15.47
C ALA B 159 10.20 -11.96 -15.71
N GLU B 160 10.96 -12.02 -14.62
CA GLU B 160 12.42 -12.09 -14.68
C GLU B 160 12.94 -13.28 -15.45
N ALA B 161 12.18 -14.39 -15.42
CA ALA B 161 12.61 -15.65 -16.04
C ALA B 161 12.34 -15.66 -17.55
N ALA B 162 11.45 -14.77 -17.99
CA ALA B 162 10.99 -14.70 -19.37
C ALA B 162 12.08 -14.35 -20.37
N CYS B 163 11.95 -14.90 -21.58
CA CYS B 163 12.90 -14.65 -22.65
C CYS B 163 12.19 -14.68 -24.00
N ASP B 164 12.93 -14.31 -25.06
CA ASP B 164 12.44 -14.32 -26.44
C ASP B 164 11.20 -13.46 -26.59
N VAL B 165 10.08 -14.08 -26.94
CA VAL B 165 8.85 -13.35 -27.04
C VAL B 165 8.00 -13.68 -25.81
N VAL B 166 7.62 -12.63 -25.08
CA VAL B 166 6.74 -12.76 -23.93
C VAL B 166 5.39 -12.23 -24.36
N HIS B 167 4.34 -13.01 -24.16
CA HIS B 167 2.99 -12.59 -24.52
C HIS B 167 2.27 -12.13 -23.26
N VAL B 168 1.42 -11.11 -23.41
CA VAL B 168 0.55 -10.67 -22.34
C VAL B 168 -0.86 -10.51 -22.87
N MET B 169 -1.81 -11.12 -22.18
CA MET B 169 -3.22 -10.93 -22.47
C MET B 169 -3.75 -9.78 -21.65
N LEU B 170 -4.43 -8.85 -22.31
CA LEU B 170 -5.03 -7.72 -21.62
C LEU B 170 -6.51 -7.65 -21.94
N ASP B 171 -7.28 -7.10 -21.01
CA ASP B 171 -8.71 -6.94 -21.17
C ASP B 171 -9.03 -5.64 -21.91
N GLY B 172 -9.45 -5.76 -23.17
CA GLY B 172 -9.78 -4.60 -24.00
C GLY B 172 -11.07 -3.87 -23.64
N SER B 173 -11.71 -4.27 -22.57
CA SER B 173 -13.02 -3.70 -22.28
C SER B 173 -13.01 -3.05 -20.93
N ARG B 174 -11.79 -3.00 -20.48
CA ARG B 174 -11.47 -2.31 -19.29
C ARG B 174 -11.12 -0.93 -19.77
N SER B 175 -11.90 0.01 -19.37
CA SER B 175 -11.26 1.30 -19.58
C SER B 175 -10.09 1.25 -18.58
N LYS B 176 -8.83 1.26 -19.18
CA LYS B 176 -7.45 1.15 -18.61
C LYS B 176 -7.04 -0.26 -19.02
N ILE B 177 -6.86 -0.44 -20.33
CA ILE B 177 -6.48 -1.73 -20.90
C ILE B 177 -5.14 -2.17 -20.31
N PHE B 178 -4.14 -1.29 -20.41
CA PHE B 178 -2.93 -1.39 -19.63
C PHE B 178 -3.06 -0.50 -18.40
N ASP B 179 -2.93 -1.10 -17.23
CA ASP B 179 -2.96 -0.33 -16.01
C ASP B 179 -1.58 -0.31 -15.41
N LYS B 180 -0.94 0.85 -15.55
CA LYS B 180 0.38 1.16 -15.03
C LYS B 180 0.60 0.62 -13.62
N ASP B 181 -0.49 0.59 -12.83
CA ASP B 181 -0.44 0.24 -11.41
C ASP B 181 -0.87 -1.19 -11.09
N SER B 182 -1.19 -1.97 -12.11
CA SER B 182 -1.50 -3.40 -11.91
C SER B 182 -0.22 -4.16 -11.59
N THR B 183 -0.32 -5.43 -11.22
CA THR B 183 0.89 -6.21 -10.96
C THR B 183 1.64 -6.42 -12.26
N PHE B 184 0.91 -6.67 -13.34
CA PHE B 184 1.58 -6.73 -14.64
C PHE B 184 2.30 -5.42 -14.89
N GLY B 185 1.56 -4.31 -14.77
CA GLY B 185 2.06 -3.00 -15.13
C GLY B 185 3.10 -2.35 -14.23
N SER B 186 3.17 -2.77 -12.97
CA SER B 186 4.08 -2.15 -12.01
C SER B 186 5.27 -3.01 -11.64
N VAL B 187 5.08 -4.33 -11.65
CA VAL B 187 6.13 -5.27 -11.30
C VAL B 187 6.65 -6.03 -12.55
N GLN B 188 5.74 -6.62 -13.32
CA GLN B 188 6.15 -7.51 -14.39
C GLN B 188 6.78 -6.81 -15.58
N VAL B 189 6.14 -5.76 -16.10
CA VAL B 189 6.70 -5.03 -17.25
C VAL B 189 8.10 -4.50 -16.96
N HIS B 190 8.31 -4.09 -15.71
CA HIS B 190 9.55 -3.46 -15.31
C HIS B 190 10.64 -4.46 -15.00
N ASN B 191 10.29 -5.74 -14.96
CA ASN B 191 11.28 -6.80 -14.73
C ASN B 191 11.55 -7.73 -15.92
N LEU B 192 10.94 -7.41 -17.06
CA LEU B 192 11.30 -8.04 -18.33
C LEU B 192 12.71 -7.57 -18.68
N GLN B 193 13.61 -8.52 -18.88
CA GLN B 193 15.01 -8.19 -19.14
C GLN B 193 15.31 -8.08 -20.63
N PRO B 194 15.72 -6.88 -21.11
CA PRO B 194 16.12 -6.73 -22.52
C PRO B 194 17.21 -7.71 -22.95
N GLU B 195 18.03 -8.16 -22.01
CA GLU B 195 19.10 -9.12 -22.31
C GLU B 195 18.55 -10.51 -22.72
N LYS B 196 17.31 -10.78 -22.34
CA LYS B 196 16.64 -12.06 -22.55
C LYS B 196 15.40 -11.90 -23.43
N VAL B 197 14.63 -10.83 -23.20
CA VAL B 197 13.39 -10.62 -23.92
C VAL B 197 13.60 -9.78 -25.18
N GLN B 198 13.18 -10.30 -26.33
CA GLN B 198 13.27 -9.58 -27.59
C GLN B 198 12.01 -8.74 -27.78
N THR B 199 10.86 -9.33 -27.49
CA THR B 199 9.57 -8.76 -27.83
C THR B 199 8.56 -9.01 -26.72
N LEU B 200 7.83 -7.95 -26.34
CA LEU B 200 6.61 -8.14 -25.59
C LEU B 200 5.46 -8.01 -26.58
N GLU B 201 4.66 -9.05 -26.67
CA GLU B 201 3.49 -8.97 -27.52
C GLU B 201 2.22 -8.99 -26.69
N ALA B 202 1.46 -7.92 -26.80
CA ALA B 202 0.19 -7.79 -26.12
C ALA B 202 -0.92 -8.35 -27.00
N TRP B 203 -1.78 -9.16 -26.39
CA TRP B 203 -3.01 -9.57 -27.04
C TRP B 203 -4.12 -8.87 -26.30
N VAL B 204 -4.72 -7.88 -26.96
CA VAL B 204 -5.80 -7.12 -26.38
C VAL B 204 -7.11 -7.83 -26.73
N ILE B 205 -7.71 -8.44 -25.72
CA ILE B 205 -8.91 -9.23 -25.88
C ILE B 205 -10.13 -8.32 -25.95
N HIS B 206 -10.89 -8.43 -27.03
CA HIS B 206 -12.11 -7.65 -27.17
C HIS B 206 -13.23 -8.34 -26.42
N GLY B 207 -13.87 -7.61 -25.51
CA GLY B 207 -14.83 -8.18 -24.57
C GLY B 207 -16.24 -7.62 -24.69
N GLY B 208 -17.20 -8.52 -24.96
CA GLY B 208 -18.60 -8.16 -25.09
C GLY B 208 -19.26 -9.06 -26.11
N ARG B 209 -20.48 -8.71 -26.51
CA ARG B 209 -21.17 -9.43 -27.59
C ARG B 209 -20.65 -8.99 -28.96
N GLU B 210 -19.32 -8.80 -29.03
CA GLU B 210 -18.60 -8.31 -30.22
C GLU B 210 -18.73 -6.80 -30.45
N ASP B 211 -17.60 -6.11 -30.34
CA ASP B 211 -17.59 -4.67 -30.16
C ASP B 211 -16.84 -3.82 -31.19
N SER B 212 -15.50 -3.78 -31.10
CA SER B 212 -14.74 -2.56 -31.39
C SER B 212 -13.79 -2.44 -32.62
N ARG B 213 -12.76 -1.61 -32.41
CA ARG B 213 -11.78 -1.19 -33.41
C ARG B 213 -10.36 -1.59 -32.95
N ASP B 214 -9.35 -0.83 -33.38
CA ASP B 214 -7.95 -1.16 -33.11
C ASP B 214 -7.46 -0.67 -31.74
N LEU B 215 -7.77 -1.45 -30.72
CA LEU B 215 -7.44 -1.12 -29.32
C LEU B 215 -5.94 -1.07 -29.03
N CYS B 216 -5.13 -1.40 -30.05
CA CYS B 216 -3.67 -1.29 -29.96
C CYS B 216 -3.18 0.16 -30.06
N GLN B 217 -4.07 1.09 -30.38
CA GLN B 217 -3.75 2.52 -30.24
C GLN B 217 -4.57 3.21 -29.16
N ASP B 218 -5.08 2.41 -28.23
CA ASP B 218 -5.64 2.95 -26.99
C ASP B 218 -4.48 3.63 -26.25
N PRO B 219 -4.71 4.85 -25.74
CA PRO B 219 -3.67 5.59 -25.02
C PRO B 219 -2.85 4.77 -24.02
N THR B 220 -3.49 3.89 -23.25
CA THR B 220 -2.76 3.06 -22.28
C THR B 220 -1.85 2.05 -22.94
N ILE B 221 -2.18 1.63 -24.15
CA ILE B 221 -1.33 0.69 -24.88
C ILE B 221 -0.09 1.38 -25.43
N LYS B 222 -0.27 2.60 -25.94
CA LYS B 222 0.85 3.43 -26.37
C LYS B 222 1.76 3.75 -25.18
N GLU B 223 1.17 3.82 -23.98
CA GLU B 223 1.93 3.99 -22.76
C GLU B 223 2.76 2.74 -22.47
N LEU B 224 2.12 1.57 -22.56
CA LEU B 224 2.82 0.30 -22.42
C LEU B 224 3.94 0.19 -23.45
N GLU B 225 3.63 0.61 -24.67
CA GLU B 225 4.56 0.62 -25.79
C GLU B 225 5.80 1.45 -25.47
N SER B 226 5.57 2.66 -24.93
CA SER B 226 6.66 3.52 -24.50
C SER B 226 7.45 2.91 -23.36
N ILE B 227 6.75 2.33 -22.38
CA ILE B 227 7.45 1.65 -21.28
C ILE B 227 8.40 0.59 -21.84
N ILE B 228 7.88 -0.37 -22.60
CA ILE B 228 8.76 -1.44 -23.05
C ILE B 228 9.75 -1.02 -24.15
N SER B 229 9.41 0.00 -24.94
CA SER B 229 10.35 0.55 -25.92
C SER B 229 11.56 1.11 -25.17
N LYS B 230 11.28 1.78 -24.05
CA LYS B 230 12.31 2.39 -23.20
C LYS B 230 13.24 1.36 -22.57
N ARG B 231 12.71 0.16 -22.35
CA ARG B 231 13.48 -0.94 -21.79
C ARG B 231 14.23 -1.69 -22.90
N ASN B 232 14.29 -1.06 -24.08
CA ASN B 232 14.88 -1.63 -25.29
C ASN B 232 14.30 -3.01 -25.63
N ILE B 233 12.98 -3.13 -25.51
CA ILE B 233 12.26 -4.34 -25.89
C ILE B 233 11.28 -3.99 -26.98
N GLN B 234 11.12 -4.91 -27.93
CA GLN B 234 10.25 -4.73 -29.07
C GLN B 234 8.79 -4.85 -28.62
N PHE B 235 7.96 -3.86 -28.96
CA PHE B 235 6.53 -3.99 -28.65
C PHE B 235 5.71 -4.41 -29.85
N SER B 236 4.93 -5.47 -29.66
CA SER B 236 4.00 -5.91 -30.67
C SER B 236 2.64 -5.97 -30.01
N CYS B 237 1.60 -5.57 -30.75
CA CYS B 237 0.25 -5.62 -30.19
C CYS B 237 -0.73 -6.22 -31.20
N LYS B 238 -1.51 -7.18 -30.73
CA LYS B 238 -2.53 -7.81 -31.56
C LYS B 238 -3.92 -7.62 -30.94
N ASN B 239 -4.89 -7.30 -31.78
CA ASN B 239 -6.28 -7.37 -31.36
C ASN B 239 -6.78 -8.80 -31.46
N ILE B 240 -7.52 -9.23 -30.45
CA ILE B 240 -8.25 -10.49 -30.53
C ILE B 240 -9.73 -10.14 -30.42
N TYR B 241 -10.32 -9.90 -31.57
CA TYR B 241 -11.71 -9.46 -31.68
C TYR B 241 -12.69 -10.51 -31.14
N ARG B 242 -12.36 -11.78 -31.33
CA ARG B 242 -13.25 -12.90 -31.07
C ARG B 242 -12.68 -13.89 -30.07
N PRO B 243 -12.88 -13.66 -28.76
CA PRO B 243 -12.34 -14.54 -27.71
C PRO B 243 -12.77 -16.01 -27.86
N ASP B 244 -13.99 -16.22 -28.37
CA ASP B 244 -14.52 -17.57 -28.53
C ASP B 244 -13.86 -18.34 -29.67
N LYS B 245 -13.88 -17.77 -30.88
CA LYS B 245 -13.20 -18.39 -32.03
C LYS B 245 -11.69 -18.49 -31.81
N PHE B 246 -11.12 -17.53 -31.06
CA PHE B 246 -9.71 -17.59 -30.68
C PHE B 246 -9.38 -18.90 -29.99
N LEU B 247 -10.15 -19.23 -28.94
CA LEU B 247 -9.98 -20.47 -28.17
C LEU B 247 -10.16 -21.73 -29.02
N GLN B 248 -11.12 -21.69 -29.93
CA GLN B 248 -11.36 -22.78 -30.87
C GLN B 248 -10.22 -22.93 -31.86
N CYS B 249 -9.72 -21.80 -32.36
CA CYS B 249 -8.62 -21.79 -33.34
C CYS B 249 -7.27 -22.18 -32.74
N VAL B 250 -7.11 -21.99 -31.43
CA VAL B 250 -5.95 -22.50 -30.73
C VAL B 250 -6.12 -24.01 -30.57
N LYS B 251 -7.33 -24.41 -30.20
CA LYS B 251 -7.69 -25.82 -30.01
C LYS B 251 -7.49 -26.64 -31.29
N ASN B 252 -7.98 -26.11 -32.41
CA ASN B 252 -7.75 -26.71 -33.73
C ASN B 252 -7.44 -25.63 -34.78
N PRO B 253 -6.13 -25.38 -35.03
CA PRO B 253 -5.56 -24.35 -35.92
C PRO B 253 -6.22 -24.16 -37.31
N GLU B 254 -6.56 -25.24 -38.06
CA GLU B 254 -7.34 -25.04 -39.34
C GLU B 254 -8.88 -25.54 -39.24
N ASP B 255 -9.81 -24.73 -38.70
CA ASP B 255 -11.26 -24.95 -38.70
C ASP B 255 -11.74 -24.24 -40.05
N SER B 256 -10.87 -23.28 -40.60
CA SER B 256 -10.93 -22.35 -41.79
C SER B 256 -11.57 -20.96 -41.48
N SER B 257 -12.33 -20.95 -40.37
CA SER B 257 -12.97 -19.81 -39.75
C SER B 257 -11.88 -19.05 -38.99
N CYS B 258 -10.65 -19.45 -39.23
CA CYS B 258 -9.45 -18.94 -38.55
C CYS B 258 -8.62 -18.03 -39.45
PA NAD C . -4.50 10.89 17.38
O1A NAD C . -4.28 11.80 18.52
O2A NAD C . -5.43 9.78 17.69
O5B NAD C . -5.00 11.74 16.10
C5B NAD C . -4.66 13.09 15.89
C4B NAD C . -5.86 13.88 15.37
O4B NAD C . -6.34 13.35 14.16
C3B NAD C . -7.04 13.84 16.34
O3B NAD C . -7.71 15.09 16.29
C2B NAD C . -7.96 12.76 15.78
O2B NAD C . -9.32 13.01 16.14
C1B NAD C . -7.66 12.83 14.29
N9A NAD C . -7.65 11.51 13.64
C8A NAD C . -6.92 10.39 13.97
N7A NAD C . -7.20 9.40 13.09
C5A NAD C . -8.11 9.89 12.19
C6A NAD C . -8.76 9.32 11.08
N6A NAD C . -8.50 8.07 10.69
N1A NAD C . -9.64 10.10 10.36
C2A NAD C . -9.90 11.41 10.70
N3A NAD C . -9.27 11.95 11.79
C4A NAD C . -8.39 11.21 12.52
O3 NAD C . -3.05 10.35 16.94
PN NAD C . -2.83 9.47 15.60
O1N NAD C . -1.71 8.53 15.94
O2N NAD C . -4.16 8.99 15.13
O5D NAD C . -2.20 10.55 14.60
C5D NAD C . -0.99 11.20 14.95
C4D NAD C . 0.16 10.82 14.00
O4D NAD C . -0.27 10.75 12.66
C3D NAD C . 1.19 11.94 14.01
O3D NAD C . 2.47 11.45 13.66
C2D NAD C . 0.60 12.90 13.00
O2D NAD C . 1.60 13.64 12.33
C1D NAD C . -0.22 12.03 12.06
N1N NAD C . -1.61 12.54 11.99
C2N NAD C . -1.89 13.85 12.20
C3N NAD C . -3.20 14.30 12.15
C7N NAD C . -3.53 15.70 12.63
O7N NAD C . -4.84 15.95 13.04
N7N NAD C . -2.60 16.64 12.65
C4N NAD C . -4.24 13.41 11.88
C5N NAD C . -3.95 12.06 11.67
C6N NAD C . -2.63 11.64 11.73
PA NAD D . -5.31 -8.01 -12.00
O1A NAD D . -6.48 -8.68 -12.59
O2A NAD D . -5.49 -6.55 -11.88
O5B NAD D . -4.90 -8.75 -10.61
C5B NAD D . -5.47 -8.42 -9.37
C4B NAD D . -5.93 -9.68 -8.63
O4B NAD D . -6.69 -9.29 -7.50
C3B NAD D . -6.82 -10.55 -9.51
O3B NAD D . -6.25 -11.83 -9.75
C2B NAD D . -8.14 -10.68 -8.77
O2B NAD D . -8.44 -12.03 -8.46
C1B NAD D . -7.99 -9.85 -7.51
N9A NAD D . -9.00 -8.78 -7.51
C8A NAD D . -8.76 -7.43 -7.42
N7A NAD D . -9.94 -6.77 -7.47
C5A NAD D . -10.95 -7.67 -7.58
C6A NAD D . -12.34 -7.55 -7.68
N6A NAD D . -12.88 -6.37 -7.95
N1A NAD D . -13.13 -8.69 -7.79
C2A NAD D . -12.54 -9.94 -7.82
N3A NAD D . -11.16 -10.06 -7.73
C4A NAD D . -10.37 -8.95 -7.62
O3 NAD D . -3.99 -8.27 -12.89
PN NAD D . -2.51 -7.83 -12.40
O1N NAD D . -1.86 -7.15 -13.54
O2N NAD D . -2.56 -7.18 -11.07
O5D NAD D . -1.79 -9.25 -12.23
C5D NAD D . -1.76 -10.12 -13.33
C4D NAD D . -0.33 -10.60 -13.59
O4D NAD D . 0.37 -10.78 -12.37
C3D NAD D . -0.38 -11.95 -14.25
O3D NAD D . 0.69 -12.08 -15.17
C2D NAD D . -0.28 -12.93 -13.09
O2D NAD D . 0.61 -13.95 -13.42
C1D NAD D . 0.21 -12.11 -11.89
N1N NAD D . -0.73 -12.09 -10.74
C2N NAD D . -1.49 -13.17 -10.43
C3N NAD D . -2.37 -13.16 -9.35
C7N NAD D . -3.50 -14.14 -9.31
O7N NAD D . -4.71 -13.73 -8.74
N7N NAD D . -3.34 -15.35 -9.81
C4N NAD D . -2.46 -12.01 -8.57
C5N NAD D . -1.69 -10.89 -8.88
C6N NAD D . -0.81 -10.96 -9.95
#